data_6RQ7
#
_entry.id   6RQ7
#
_cell.length_a   103.352
_cell.length_b   109.734
_cell.length_c   48.381
_cell.angle_alpha   90.00
_cell.angle_beta   90.00
_cell.angle_gamma   90.00
#
_symmetry.space_group_name_H-M   'P 21 21 2'
#
loop_
_entity.id
_entity.type
_entity.pdbx_description
1 polymer Afamin
2 branched 2-acetamido-2-deoxy-beta-D-glucopyranose-(1-4)-2-acetamido-2-deoxy-beta-D-glucopyranose
3 non-polymer 'GADOLINIUM ATOM'
4 non-polymer 2-acetamido-2-deoxy-beta-D-glucopyranose
5 non-polymer '10-((2R)-2-HYDROXYPROPYL)-1,4,7,10-TETRAAZACYCLODODECANE 1,4,7-TRIACETIC ACID'
#
_entity_poly.entity_id   1
_entity_poly.type   'polypeptide(L)'
_entity_poly.pdbx_seq_one_letter_code
;LPTQPRDIENFNSTQKFIEDNIEYITIIAFAQYVQEATFEEMEKLVKDMVEYKDRCMADKTLPECSKLPNNVLQEKICAM
EGLPQKHNFSHCCSKVDAQRRLCFFYNKKSDVGFLPPFPTLDPEEKCQAYESNRESLLNHFLYEVARRNPFVFAPTLLTV
AVHFEEVAKSCCEEQNKVNCLQTRAIPVTQYLKAFSSYQKHVCGALLKFGTKVVHFIYIAILSQKFPKIEFKELISLVED
VSSNYDGCCEGDVVQCIRDTSKVMNHICSKQDSISSKIKECCEKKIPERGQCIINSNKDDRPKDLSLREGKFTDSENVCQ
ERDADPDTFFAKFTFEYSRRHPDLSIPELLRIVQIYKDLLRNCCNTENPPGCYRYAEDKFNETTEKSLKMVQQECKHFQN
LGKDGLKYHYLIRLTKIAPQLSTEELVSLGEKMVTAFTTCCTLSEEFACVDNLADLVFGELCGVNENRTINPAVDHCCKT
NFAFRRPCFESLKADKTYVPPPFSQDLFTFHADMCQSQNEELQRKTDRFLVNLVKLKHELTDEELQSLFTNFANVVDKCC
KAESPEVCFNEESPKIGNKGENLYFQ
;
_entity_poly.pdbx_strand_id   B
#
loop_
_chem_comp.id
_chem_comp.type
_chem_comp.name
_chem_comp.formula
DO3 non-polymer '10-((2R)-2-HYDROXYPROPYL)-1,4,7,10-TETRAAZACYCLODODECANE 1,4,7-TRIACETIC ACID' 'C17 H32 N4 O7'
GD non-polymer 'GADOLINIUM ATOM' Gd
NAG D-saccharide, beta linking 2-acetamido-2-deoxy-beta-D-glucopyranose 'C8 H15 N O6'
#
# COMPACT_ATOMS: atom_id res chain seq x y z
N SER A 13 8.77 6.84 -26.76
CA SER A 13 7.98 6.86 -25.48
C SER A 13 8.15 5.51 -24.75
N THR A 14 7.48 5.37 -23.60
CA THR A 14 7.32 4.10 -22.83
C THR A 14 6.71 3.03 -23.75
N GLN A 15 5.81 3.43 -24.65
CA GLN A 15 5.09 2.55 -25.62
C GLN A 15 6.07 1.52 -26.21
N LYS A 16 7.32 1.92 -26.49
CA LYS A 16 8.39 1.01 -26.99
C LYS A 16 8.66 -0.07 -25.95
N PHE A 17 9.03 0.33 -24.73
CA PHE A 17 9.39 -0.54 -23.58
C PHE A 17 8.39 -1.69 -23.43
N ILE A 18 7.09 -1.37 -23.52
CA ILE A 18 5.95 -2.31 -23.31
C ILE A 18 6.02 -3.45 -24.34
N GLU A 19 6.43 -3.14 -25.58
CA GLU A 19 6.56 -4.13 -26.68
C GLU A 19 7.87 -4.91 -26.54
N ASP A 20 8.92 -4.25 -26.02
CA ASP A 20 10.29 -4.80 -25.87
C ASP A 20 10.30 -5.89 -24.78
N ASN A 21 9.49 -5.74 -23.73
CA ASN A 21 9.44 -6.62 -22.54
C ASN A 21 8.14 -7.44 -22.53
N ILE A 22 7.33 -7.35 -23.59
CA ILE A 22 6.01 -8.04 -23.74
C ILE A 22 6.10 -9.47 -23.18
N GLU A 23 7.23 -10.15 -23.41
CA GLU A 23 7.52 -11.51 -22.87
C GLU A 23 7.31 -11.49 -21.35
N TYR A 24 7.98 -10.57 -20.65
CA TYR A 24 7.92 -10.39 -19.18
C TYR A 24 6.53 -9.87 -18.80
N ILE A 25 6.15 -8.72 -19.37
CA ILE A 25 4.88 -7.99 -19.08
C ILE A 25 3.68 -8.95 -19.10
N THR A 26 3.66 -9.92 -20.02
CA THR A 26 2.62 -10.96 -20.12
C THR A 26 2.81 -11.96 -18.97
N ILE A 27 4.04 -12.46 -18.77
CA ILE A 27 4.40 -13.44 -17.68
C ILE A 27 3.86 -12.92 -16.35
N ILE A 28 4.25 -11.71 -15.96
CA ILE A 28 3.86 -11.06 -14.67
C ILE A 28 2.33 -11.07 -14.59
N ALA A 29 1.68 -10.33 -15.50
CA ALA A 29 0.21 -10.20 -15.58
C ALA A 29 -0.43 -11.54 -15.25
N PHE A 30 -0.16 -12.55 -16.10
CA PHE A 30 -0.67 -13.93 -15.95
C PHE A 30 -0.31 -14.45 -14.55
N ALA A 31 0.98 -14.64 -14.29
CA ALA A 31 1.52 -15.24 -13.05
C ALA A 31 0.76 -14.72 -11.83
N GLN A 32 0.58 -13.40 -11.73
CA GLN A 32 -0.11 -12.74 -10.59
C GLN A 32 -1.59 -13.18 -10.57
N TYR A 33 -2.33 -12.88 -11.64
CA TYR A 33 -3.79 -13.13 -11.78
C TYR A 33 -4.10 -14.59 -11.45
N VAL A 34 -3.34 -15.53 -12.02
CA VAL A 34 -3.50 -17.00 -11.85
C VAL A 34 -2.18 -17.58 -11.31
N GLN A 35 -2.00 -17.57 -9.99
CA GLN A 35 -0.75 -18.00 -9.31
C GLN A 35 -0.58 -19.52 -9.41
N GLU A 36 -1.68 -20.25 -9.55
CA GLU A 36 -1.71 -21.75 -9.52
C GLU A 36 -1.13 -22.31 -10.84
N ALA A 37 -1.10 -21.50 -11.90
CA ALA A 37 -0.68 -21.89 -13.27
C ALA A 37 0.79 -22.36 -13.27
N THR A 38 1.12 -23.22 -14.25
CA THR A 38 2.49 -23.75 -14.51
C THR A 38 3.24 -22.78 -15.42
N PHE A 39 4.53 -23.01 -15.68
CA PHE A 39 5.35 -22.20 -16.62
C PHE A 39 5.03 -22.63 -18.06
N GLU A 40 4.78 -23.94 -18.27
CA GLU A 40 4.28 -24.50 -19.55
C GLU A 40 3.14 -23.60 -20.06
N GLU A 41 2.19 -23.28 -19.17
CA GLU A 41 0.97 -22.48 -19.47
C GLU A 41 1.34 -21.02 -19.79
N MET A 42 2.37 -20.48 -19.12
CA MET A 42 2.84 -19.08 -19.29
C MET A 42 3.34 -18.88 -20.72
N GLU A 43 4.19 -19.79 -21.19
CA GLU A 43 4.76 -19.79 -22.57
C GLU A 43 3.62 -19.76 -23.60
N LYS A 44 2.56 -20.54 -23.36
CA LYS A 44 1.38 -20.67 -24.25
C LYS A 44 0.76 -19.29 -24.46
N LEU A 45 0.57 -18.52 -23.38
CA LEU A 45 -0.01 -17.15 -23.44
C LEU A 45 0.99 -16.22 -24.13
N VAL A 46 2.25 -16.24 -23.68
CA VAL A 46 3.35 -15.36 -24.18
C VAL A 46 3.32 -15.34 -25.72
N LYS A 47 3.29 -16.52 -26.34
CA LYS A 47 3.26 -16.70 -27.83
C LYS A 47 2.03 -15.98 -28.41
N ASP A 48 0.84 -16.24 -27.86
CA ASP A 48 -0.45 -15.68 -28.33
C ASP A 48 -0.39 -14.15 -28.34
N MET A 49 0.20 -13.56 -27.28
CA MET A 49 0.33 -12.08 -27.11
C MET A 49 1.38 -11.53 -28.09
N VAL A 50 2.53 -12.20 -28.20
CA VAL A 50 3.63 -11.84 -29.13
C VAL A 50 3.08 -11.81 -30.56
N GLU A 51 2.45 -12.91 -30.99
CA GLU A 51 1.84 -13.07 -32.34
C GLU A 51 0.74 -12.01 -32.54
N TYR A 52 -0.08 -11.77 -31.50
CA TYR A 52 -1.18 -10.77 -31.49
C TYR A 52 -0.62 -9.38 -31.81
N LYS A 53 0.46 -8.99 -31.13
CA LYS A 53 1.14 -7.68 -31.28
C LYS A 53 1.63 -7.50 -32.73
N ASP A 54 2.23 -8.54 -33.30
CA ASP A 54 2.77 -8.55 -34.69
C ASP A 54 1.62 -8.32 -35.69
N ARG A 55 0.45 -8.92 -35.45
CA ARG A 55 -0.77 -8.74 -36.28
C ARG A 55 -1.24 -7.29 -36.18
N CYS A 56 -0.97 -6.61 -35.06
CA CYS A 56 -1.29 -5.18 -34.83
C CYS A 56 -0.19 -4.29 -35.44
N MET A 57 0.95 -4.88 -35.79
CA MET A 57 2.03 -4.23 -36.59
C MET A 57 1.89 -4.64 -38.06
N ALA A 58 1.01 -5.59 -38.36
CA ALA A 58 0.67 -6.06 -39.73
C ALA A 58 -0.57 -5.31 -40.24
N ASP A 59 -1.28 -4.59 -39.37
CA ASP A 59 -2.46 -3.76 -39.72
C ASP A 59 -2.75 -2.80 -38.57
N LYS A 60 -2.69 -1.49 -38.84
CA LYS A 60 -2.90 -0.39 -37.85
C LYS A 60 -4.35 -0.42 -37.37
N THR A 61 -5.28 -0.68 -38.30
CA THR A 61 -6.75 -0.72 -38.08
C THR A 61 -7.23 -2.17 -38.20
N LEU A 62 -6.87 -3.02 -37.23
CA LEU A 62 -7.37 -4.41 -37.07
C LEU A 62 -8.25 -4.46 -35.83
N PRO A 63 -9.44 -5.10 -35.86
CA PRO A 63 -10.43 -4.96 -34.80
C PRO A 63 -9.94 -5.36 -33.40
N GLU A 64 -9.07 -6.37 -33.31
CA GLU A 64 -8.49 -6.87 -32.03
C GLU A 64 -7.48 -5.86 -31.47
N CYS A 65 -6.95 -4.98 -32.33
CA CYS A 65 -5.81 -4.07 -32.05
C CYS A 65 -6.29 -2.69 -31.58
N SER A 66 -7.60 -2.44 -31.65
CA SER A 66 -8.27 -1.25 -31.05
C SER A 66 -8.59 -1.55 -29.58
N LYS A 67 -8.50 -2.82 -29.17
CA LYS A 67 -8.79 -3.32 -27.80
C LYS A 67 -7.63 -2.93 -26.88
N LEU A 68 -7.90 -2.81 -25.57
CA LEU A 68 -6.90 -2.43 -24.55
C LEU A 68 -6.05 -3.65 -24.19
N PRO A 69 -4.78 -3.45 -23.74
CA PRO A 69 -3.80 -4.53 -23.69
C PRO A 69 -3.91 -5.48 -22.48
N ASN A 70 -4.87 -5.25 -21.60
CA ASN A 70 -5.15 -6.10 -20.41
C ASN A 70 -6.43 -6.90 -20.65
N ASN A 71 -7.45 -6.28 -21.26
CA ASN A 71 -8.72 -6.93 -21.66
C ASN A 71 -8.48 -7.86 -22.85
N VAL A 72 -7.28 -7.77 -23.46
CA VAL A 72 -6.74 -8.77 -24.43
C VAL A 72 -6.13 -9.92 -23.62
N LEU A 73 -5.26 -9.59 -22.66
CA LEU A 73 -4.54 -10.54 -21.76
C LEU A 73 -5.56 -11.51 -21.12
N GLN A 74 -6.63 -10.97 -20.55
CA GLN A 74 -7.62 -11.73 -19.73
C GLN A 74 -8.61 -12.48 -20.61
N GLU A 75 -8.82 -12.02 -21.85
CA GLU A 75 -9.72 -12.67 -22.84
C GLU A 75 -9.05 -13.96 -23.33
N LYS A 76 -7.72 -13.93 -23.53
CA LYS A 76 -6.90 -15.10 -23.95
C LYS A 76 -6.80 -16.11 -22.81
N ILE A 77 -6.45 -15.64 -21.60
CA ILE A 77 -6.42 -16.46 -20.35
C ILE A 77 -7.71 -17.29 -20.27
N CYS A 78 -8.86 -16.66 -20.47
CA CYS A 78 -10.22 -17.27 -20.44
C CYS A 78 -10.44 -18.21 -21.64
N ALA A 79 -10.05 -17.76 -22.84
CA ALA A 79 -10.11 -18.53 -24.09
C ALA A 79 -9.22 -19.77 -23.98
N MET A 80 -8.07 -19.66 -23.32
CA MET A 80 -7.06 -20.75 -23.19
C MET A 80 -7.77 -22.02 -22.70
N GLU A 81 -7.43 -23.16 -23.30
CA GLU A 81 -8.25 -24.41 -23.32
C GLU A 81 -8.42 -24.96 -21.89
N GLY A 82 -9.62 -24.79 -21.32
CA GLY A 82 -10.02 -25.35 -20.02
C GLY A 82 -9.17 -24.85 -18.86
N LEU A 83 -8.55 -23.68 -19.01
CA LEU A 83 -7.65 -23.09 -17.99
C LEU A 83 -8.47 -22.54 -16.82
N PRO A 84 -9.57 -21.80 -17.05
CA PRO A 84 -10.42 -21.32 -15.96
C PRO A 84 -11.01 -22.41 -15.04
N GLN A 85 -11.26 -23.61 -15.58
CA GLN A 85 -11.77 -24.77 -14.80
C GLN A 85 -10.64 -25.34 -13.93
N LYS A 86 -9.43 -25.45 -14.50
CA LYS A 86 -8.23 -26.06 -13.85
C LYS A 86 -7.67 -25.15 -12.74
N HIS A 87 -8.05 -23.88 -12.71
CA HIS A 87 -7.61 -22.90 -11.67
C HIS A 87 -8.81 -22.08 -11.15
N ASN A 88 -10.01 -22.66 -11.20
CA ASN A 88 -11.26 -22.14 -10.55
C ASN A 88 -11.33 -20.61 -10.70
N PHE A 89 -11.49 -20.11 -11.94
CA PHE A 89 -11.74 -18.67 -12.22
C PHE A 89 -12.66 -18.51 -13.45
N SER A 90 -13.54 -19.48 -13.68
CA SER A 90 -14.54 -19.48 -14.79
C SER A 90 -15.55 -18.34 -14.60
N HIS A 91 -15.87 -18.02 -13.34
CA HIS A 91 -16.88 -16.99 -12.94
C HIS A 91 -16.38 -15.58 -13.32
N CYS A 92 -15.07 -15.39 -13.45
CA CYS A 92 -14.43 -14.12 -13.92
C CYS A 92 -14.61 -13.97 -15.43
N CYS A 93 -14.61 -15.09 -16.16
CA CYS A 93 -14.72 -15.12 -17.65
C CYS A 93 -16.18 -14.95 -18.07
N SER A 94 -17.13 -15.13 -17.16
CA SER A 94 -18.58 -14.99 -17.38
C SER A 94 -19.04 -13.56 -17.07
N LYS A 95 -18.11 -12.60 -17.00
CA LYS A 95 -18.37 -11.18 -16.66
C LYS A 95 -17.99 -10.28 -17.84
N VAL A 96 -18.58 -9.08 -17.90
CA VAL A 96 -18.24 -8.00 -18.87
C VAL A 96 -16.82 -7.51 -18.53
N ASP A 97 -16.12 -6.96 -19.53
CA ASP A 97 -14.65 -6.72 -19.52
C ASP A 97 -14.23 -6.02 -18.23
N ALA A 98 -14.99 -5.01 -17.77
CA ALA A 98 -14.69 -4.19 -16.57
C ALA A 98 -14.87 -5.03 -15.29
N GLN A 99 -16.02 -5.70 -15.16
CA GLN A 99 -16.37 -6.57 -14.01
C GLN A 99 -15.39 -7.75 -13.94
N ARG A 100 -14.93 -8.21 -15.12
CA ARG A 100 -13.96 -9.34 -15.27
C ARG A 100 -12.59 -8.91 -14.72
N ARG A 101 -12.15 -7.68 -15.02
CA ARG A 101 -10.86 -7.12 -14.53
C ARG A 101 -10.88 -7.06 -12.99
N LEU A 102 -12.01 -6.62 -12.43
CA LEU A 102 -12.26 -6.51 -10.95
C LEU A 102 -12.26 -7.92 -10.35
N CYS A 103 -12.95 -8.85 -11.02
CA CYS A 103 -13.03 -10.29 -10.63
C CYS A 103 -11.63 -10.87 -10.57
N PHE A 104 -10.88 -10.78 -11.68
CA PHE A 104 -9.48 -11.26 -11.80
C PHE A 104 -8.63 -10.68 -10.66
N PHE A 105 -8.91 -9.44 -10.25
CA PHE A 105 -8.25 -8.78 -9.10
C PHE A 105 -8.58 -9.57 -7.82
N TYR A 106 -9.87 -9.80 -7.55
CA TYR A 106 -10.36 -10.54 -6.35
C TYR A 106 -9.80 -11.96 -6.36
N ASN A 107 -9.45 -12.48 -7.53
CA ASN A 107 -8.92 -13.86 -7.74
C ASN A 107 -7.52 -13.98 -7.12
N LYS A 108 -6.75 -12.90 -7.11
CA LYS A 108 -5.34 -12.88 -6.64
C LYS A 108 -5.31 -13.11 -5.13
N LYS A 109 -4.61 -14.16 -4.68
CA LYS A 109 -4.51 -14.60 -3.27
C LYS A 109 -3.15 -14.17 -2.69
N SER A 110 -3.15 -13.60 -1.48
CA SER A 110 -1.94 -13.11 -0.78
C SER A 110 -1.29 -14.25 0.00
N ASP A 111 -2.09 -15.00 0.78
CA ASP A 111 -1.62 -16.16 1.60
C ASP A 111 -1.30 -17.32 0.65
N VAL A 112 -0.02 -17.46 0.27
CA VAL A 112 0.46 -18.36 -0.81
C VAL A 112 1.37 -19.46 -0.21
N GLY A 113 0.92 -20.07 0.89
CA GLY A 113 1.58 -21.24 1.51
C GLY A 113 1.28 -22.52 0.75
N PHE A 114 0.23 -22.50 -0.08
CA PHE A 114 -0.25 -23.65 -0.90
C PHE A 114 0.71 -23.89 -2.09
N LEU A 115 1.60 -22.94 -2.37
CA LEU A 115 2.65 -23.06 -3.43
C LEU A 115 3.91 -23.66 -2.82
N PRO A 116 4.83 -24.22 -3.63
CA PRO A 116 6.11 -24.75 -3.13
C PRO A 116 7.09 -23.63 -2.78
N PRO A 117 8.24 -23.93 -2.15
CA PRO A 117 9.15 -22.91 -1.65
C PRO A 117 9.73 -22.00 -2.75
N PHE A 118 10.33 -22.59 -3.78
CA PHE A 118 10.94 -21.89 -4.95
C PHE A 118 11.43 -22.91 -5.98
N LEU A 138 15.56 -15.44 -16.73
CA LEU A 138 14.66 -14.38 -16.19
C LEU A 138 13.23 -14.92 -16.07
N ASN A 139 12.71 -15.48 -17.16
CA ASN A 139 11.26 -15.80 -17.35
C ASN A 139 10.78 -16.74 -16.24
N HIS A 140 11.66 -17.62 -15.75
CA HIS A 140 11.37 -18.63 -14.69
C HIS A 140 11.34 -17.94 -13.32
N PHE A 141 12.20 -16.94 -13.10
CA PHE A 141 12.24 -16.13 -11.85
C PHE A 141 10.97 -15.29 -11.76
N LEU A 142 10.69 -14.49 -12.79
CA LEU A 142 9.51 -13.58 -12.89
C LEU A 142 8.22 -14.38 -12.65
N TYR A 143 8.17 -15.64 -13.10
CA TYR A 143 7.06 -16.58 -12.85
C TYR A 143 6.99 -16.88 -11.34
N GLU A 144 8.11 -17.28 -10.74
CA GLU A 144 8.19 -17.81 -9.36
C GLU A 144 8.25 -16.67 -8.33
N VAL A 145 8.36 -15.41 -8.78
CA VAL A 145 8.17 -14.21 -7.90
C VAL A 145 6.70 -13.81 -7.98
N ALA A 146 6.25 -13.40 -9.18
CA ALA A 146 4.90 -12.87 -9.46
C ALA A 146 3.83 -13.73 -8.78
N ARG A 147 3.92 -15.06 -8.88
CA ARG A 147 2.89 -16.00 -8.34
C ARG A 147 3.03 -16.12 -6.82
N ARG A 148 4.17 -15.70 -6.25
CA ARG A 148 4.41 -15.66 -4.78
C ARG A 148 4.21 -14.23 -4.26
N ASN A 149 4.29 -13.23 -5.13
CA ASN A 149 4.07 -11.79 -4.81
C ASN A 149 3.08 -11.22 -5.83
N PRO A 150 1.77 -11.53 -5.72
CA PRO A 150 0.80 -11.19 -6.77
C PRO A 150 0.38 -9.72 -6.84
N PHE A 151 0.47 -8.98 -5.72
CA PHE A 151 -0.07 -7.59 -5.56
C PHE A 151 1.00 -6.53 -5.81
N VAL A 152 2.28 -6.91 -5.90
CA VAL A 152 3.41 -6.00 -6.25
C VAL A 152 3.13 -5.38 -7.62
N PHE A 153 3.59 -4.15 -7.84
CA PHE A 153 3.42 -3.38 -9.10
C PHE A 153 4.46 -3.88 -10.11
N ALA A 154 4.13 -3.82 -11.40
CA ALA A 154 4.98 -4.29 -12.52
C ALA A 154 6.31 -3.54 -12.50
N PRO A 155 6.33 -2.18 -12.49
CA PRO A 155 7.58 -1.42 -12.45
C PRO A 155 8.59 -2.02 -11.46
N THR A 156 8.13 -2.35 -10.25
CA THR A 156 8.94 -2.94 -9.15
C THR A 156 9.58 -4.25 -9.64
N LEU A 157 8.76 -5.24 -10.01
CA LEU A 157 9.23 -6.60 -10.41
C LEU A 157 10.28 -6.49 -11.52
N LEU A 158 10.00 -5.70 -12.57
CA LEU A 158 10.90 -5.49 -13.73
C LEU A 158 12.20 -4.80 -13.28
N THR A 159 12.14 -3.94 -12.26
CA THR A 159 13.32 -3.28 -11.67
C THR A 159 14.15 -4.32 -10.91
N VAL A 160 13.50 -5.17 -10.10
CA VAL A 160 14.16 -6.26 -9.30
C VAL A 160 14.33 -7.51 -10.19
N ALA A 161 14.31 -7.32 -11.52
CA ALA A 161 14.87 -8.25 -12.53
C ALA A 161 16.20 -7.68 -13.03
N VAL A 162 16.21 -6.41 -13.42
CA VAL A 162 17.42 -5.64 -13.85
C VAL A 162 18.37 -5.50 -12.64
N HIS A 163 17.82 -5.23 -11.45
CA HIS A 163 18.55 -5.12 -10.17
C HIS A 163 18.68 -6.51 -9.52
N PHE A 164 18.38 -7.58 -10.26
CA PHE A 164 18.62 -8.99 -9.88
C PHE A 164 19.65 -9.63 -10.82
N GLU A 165 19.76 -9.14 -12.06
CA GLU A 165 20.80 -9.58 -13.04
C GLU A 165 22.19 -9.28 -12.46
N GLU A 166 22.67 -10.18 -11.59
CA GLU A 166 23.98 -10.11 -10.89
C GLU A 166 25.01 -10.92 -11.69
N VAL A 167 26.18 -11.18 -11.10
CA VAL A 167 27.30 -11.95 -11.75
C VAL A 167 27.94 -12.92 -10.75
N ALA A 168 28.23 -12.46 -9.53
CA ALA A 168 28.83 -13.25 -8.42
C ALA A 168 28.05 -13.02 -7.12
N LYS A 169 27.65 -14.10 -6.45
CA LYS A 169 26.82 -14.06 -5.20
C LYS A 169 27.64 -13.47 -4.06
N PRO A 187 19.42 -10.72 0.37
CA PRO A 187 19.94 -9.36 0.15
C PRO A 187 18.86 -8.43 -0.43
N VAL A 188 18.49 -8.65 -1.71
CA VAL A 188 17.52 -7.80 -2.47
C VAL A 188 16.10 -8.05 -1.96
N THR A 189 15.81 -9.27 -1.48
CA THR A 189 14.49 -9.68 -0.94
C THR A 189 13.94 -8.60 -0.01
N GLN A 190 14.81 -8.08 0.87
CA GLN A 190 14.52 -6.99 1.84
C GLN A 190 13.70 -5.90 1.15
N TYR A 191 14.24 -5.37 0.04
CA TYR A 191 13.66 -4.27 -0.77
C TYR A 191 12.26 -4.65 -1.28
N LEU A 192 12.13 -5.83 -1.88
CA LEU A 192 10.88 -6.30 -2.54
C LEU A 192 9.77 -6.48 -1.50
N LYS A 193 10.06 -7.11 -0.36
CA LYS A 193 9.08 -7.41 0.73
C LYS A 193 8.52 -6.09 1.29
N ALA A 194 9.31 -5.02 1.28
CA ALA A 194 8.93 -3.67 1.75
C ALA A 194 8.02 -3.00 0.70
N PHE A 195 8.42 -3.02 -0.56
CA PHE A 195 7.71 -2.34 -1.70
C PHE A 195 6.33 -2.97 -1.91
N SER A 196 6.20 -4.28 -1.68
CA SER A 196 4.90 -5.01 -1.70
C SER A 196 3.99 -4.47 -0.60
N SER A 197 4.54 -4.30 0.61
CA SER A 197 3.81 -3.98 1.85
C SER A 197 3.08 -2.64 1.73
N TYR A 198 3.70 -1.61 1.13
CA TYR A 198 3.09 -0.26 0.98
CA TYR A 198 3.08 -0.26 0.98
C TYR A 198 2.12 -0.26 -0.22
N GLN A 199 2.48 -0.97 -1.29
CA GLN A 199 1.62 -1.09 -2.50
C GLN A 199 0.33 -1.83 -2.14
N LYS A 200 0.44 -2.92 -1.38
CA LYS A 200 -0.71 -3.70 -0.85
C LYS A 200 -1.54 -2.79 0.09
N HIS A 201 -0.85 -2.03 0.95
CA HIS A 201 -1.46 -1.16 1.99
C HIS A 201 -2.35 -0.09 1.33
N VAL A 202 -1.92 0.47 0.19
CA VAL A 202 -2.66 1.52 -0.57
C VAL A 202 -3.80 0.86 -1.35
N CYS A 203 -3.49 -0.15 -2.17
CA CYS A 203 -4.46 -0.95 -2.95
C CYS A 203 -5.50 -1.57 -2.00
N GLY A 204 -5.11 -1.80 -0.75
CA GLY A 204 -6.05 -2.02 0.37
C GLY A 204 -6.95 -0.82 0.55
N ALA A 205 -6.38 0.33 0.92
CA ALA A 205 -7.12 1.59 1.18
C ALA A 205 -8.07 1.87 0.02
N LEU A 206 -7.55 1.87 -1.21
CA LEU A 206 -8.30 2.16 -2.47
C LEU A 206 -9.61 1.33 -2.47
N LEU A 207 -9.50 0.02 -2.23
CA LEU A 207 -10.64 -0.94 -2.22
C LEU A 207 -11.71 -0.48 -1.23
N LYS A 208 -11.32 -0.21 0.02
CA LYS A 208 -12.26 -0.09 1.17
C LYS A 208 -12.84 1.34 1.24
N PHE A 209 -12.03 2.35 0.90
CA PHE A 209 -12.35 3.79 1.14
C PHE A 209 -12.48 4.54 -0.20
N GLY A 210 -12.60 3.81 -1.31
CA GLY A 210 -12.74 4.38 -2.66
C GLY A 210 -11.50 5.13 -3.09
N THR A 211 -11.65 6.07 -4.04
CA THR A 211 -10.55 6.75 -4.76
C THR A 211 -10.42 8.20 -4.28
N LYS A 212 -10.67 8.46 -2.99
CA LYS A 212 -10.61 9.81 -2.36
C LYS A 212 -9.45 9.86 -1.36
N VAL A 213 -9.37 8.88 -0.46
CA VAL A 213 -8.36 8.83 0.64
C VAL A 213 -6.96 8.64 0.03
N VAL A 214 -6.87 7.89 -1.07
CA VAL A 214 -5.59 7.59 -1.80
C VAL A 214 -4.94 8.91 -2.24
N HIS A 215 -5.73 9.87 -2.74
CA HIS A 215 -5.28 11.24 -3.06
C HIS A 215 -4.59 11.82 -1.83
N PHE A 216 -5.37 12.05 -0.75
CA PHE A 216 -4.92 12.64 0.53
C PHE A 216 -3.61 11.97 0.97
N ILE A 217 -3.53 10.64 0.89
CA ILE A 217 -2.31 9.84 1.23
C ILE A 217 -1.12 10.38 0.42
N TYR A 218 -1.29 10.51 -0.89
CA TYR A 218 -0.18 10.82 -1.84
C TYR A 218 0.11 12.33 -1.85
N ILE A 219 -0.82 13.16 -1.38
CA ILE A 219 -0.55 14.61 -1.11
C ILE A 219 0.40 14.67 0.10
N ALA A 220 0.06 13.96 1.18
CA ALA A 220 0.87 13.87 2.41
C ALA A 220 2.23 13.22 2.11
N ILE A 221 2.25 12.22 1.21
CA ILE A 221 3.49 11.47 0.85
C ILE A 221 4.41 12.38 0.03
N LEU A 222 3.89 12.99 -1.05
CA LEU A 222 4.70 13.75 -2.04
C LEU A 222 5.04 15.15 -1.49
N SER A 223 4.13 15.78 -0.75
CA SER A 223 4.34 17.10 -0.11
C SER A 223 5.45 17.00 0.94
N GLN A 224 5.50 15.87 1.66
CA GLN A 224 6.52 15.57 2.69
C GLN A 224 7.87 15.24 2.02
N LYS A 225 7.82 14.51 0.90
CA LYS A 225 9.00 14.04 0.13
C LYS A 225 9.56 15.18 -0.72
N PHE A 226 8.68 16.01 -1.30
CA PHE A 226 9.02 17.15 -2.18
C PHE A 226 8.42 18.44 -1.62
N PRO A 227 8.96 19.00 -0.51
CA PRO A 227 8.48 20.27 0.03
C PRO A 227 8.72 21.49 -0.89
N LYS A 228 9.79 21.49 -1.69
CA LYS A 228 10.16 22.59 -2.63
C LYS A 228 9.09 22.72 -3.73
N ILE A 229 8.21 21.73 -3.88
CA ILE A 229 7.11 21.68 -4.89
C ILE A 229 6.13 22.84 -4.64
N GLU A 230 5.25 23.10 -5.61
CA GLU A 230 4.12 24.07 -5.52
C GLU A 230 2.82 23.28 -5.55
N PHE A 231 1.75 23.80 -4.93
CA PHE A 231 0.45 23.09 -4.75
C PHE A 231 -0.09 22.63 -6.11
N LYS A 232 -0.37 23.59 -7.01
CA LYS A 232 -1.00 23.36 -8.34
C LYS A 232 -0.22 22.27 -9.09
N GLU A 233 1.11 22.29 -9.01
CA GLU A 233 2.01 21.25 -9.57
C GLU A 233 1.67 19.90 -8.89
N LEU A 234 1.98 19.79 -7.60
CA LEU A 234 1.87 18.54 -6.80
C LEU A 234 0.47 17.91 -6.97
N ILE A 235 -0.59 18.72 -6.87
CA ILE A 235 -2.01 18.24 -6.91
C ILE A 235 -2.26 17.55 -8.25
N SER A 236 -1.59 18.00 -9.32
CA SER A 236 -1.63 17.36 -10.66
C SER A 236 -0.85 16.04 -10.61
N LEU A 237 0.36 16.07 -10.05
CA LEU A 237 1.23 14.87 -9.87
C LEU A 237 0.51 13.81 -9.03
N VAL A 238 -0.41 14.23 -8.15
CA VAL A 238 -1.22 13.30 -7.29
C VAL A 238 -2.35 12.68 -8.13
N GLU A 239 -3.05 13.47 -8.95
CA GLU A 239 -4.18 12.98 -9.79
C GLU A 239 -3.62 12.17 -10.97
N ASP A 240 -2.29 12.10 -11.10
CA ASP A 240 -1.56 11.13 -11.97
C ASP A 240 -1.30 9.83 -11.17
N VAL A 241 -0.62 9.95 -10.03
CA VAL A 241 -0.25 8.81 -9.12
C VAL A 241 -1.51 8.08 -8.67
N SER A 242 -2.57 8.83 -8.31
CA SER A 242 -3.88 8.27 -7.89
C SER A 242 -4.51 7.49 -9.05
N SER A 243 -4.50 8.06 -10.25
CA SER A 243 -5.04 7.45 -11.50
C SER A 243 -4.16 6.26 -11.93
N ASN A 244 -2.90 6.23 -11.51
CA ASN A 244 -1.95 5.10 -11.74
C ASN A 244 -2.36 3.92 -10.85
N TYR A 245 -2.65 4.17 -9.57
CA TYR A 245 -2.99 3.14 -8.56
C TYR A 245 -4.34 2.49 -8.91
N ASP A 246 -5.17 3.15 -9.72
CA ASP A 246 -6.42 2.57 -10.28
C ASP A 246 -6.07 1.30 -11.06
N GLY A 247 -5.07 1.39 -11.94
CA GLY A 247 -4.69 0.34 -12.92
C GLY A 247 -3.70 -0.67 -12.35
N CYS A 248 -2.77 -0.21 -11.49
CA CYS A 248 -1.73 -1.04 -10.84
C CYS A 248 -2.37 -2.04 -9.87
N CYS A 249 -3.34 -1.58 -9.07
CA CYS A 249 -4.11 -2.39 -8.08
C CYS A 249 -4.96 -3.42 -8.82
N GLU A 250 -5.84 -2.96 -9.71
CA GLU A 250 -6.71 -3.78 -10.59
C GLU A 250 -5.85 -4.89 -11.24
N GLY A 251 -4.59 -4.59 -11.54
CA GLY A 251 -3.59 -5.55 -12.04
C GLY A 251 -3.18 -5.28 -13.48
N ASP A 252 -3.73 -4.24 -14.10
CA ASP A 252 -3.39 -3.81 -15.47
C ASP A 252 -1.90 -3.47 -15.53
N VAL A 253 -1.07 -4.47 -15.80
CA VAL A 253 0.43 -4.36 -15.87
C VAL A 253 0.79 -3.24 -16.84
N VAL A 254 0.32 -3.32 -18.08
CA VAL A 254 0.70 -2.43 -19.22
C VAL A 254 0.46 -0.97 -18.81
N GLN A 255 -0.71 -0.66 -18.24
CA GLN A 255 -1.06 0.70 -17.76
C GLN A 255 -0.15 1.07 -16.59
N CYS A 256 0.15 0.12 -15.71
CA CYS A 256 0.98 0.33 -14.48
C CYS A 256 2.42 0.71 -14.86
N ILE A 257 2.79 0.58 -16.14
CA ILE A 257 4.09 1.09 -16.68
C ILE A 257 3.83 2.47 -17.31
N ARG A 258 2.81 2.57 -18.15
CA ARG A 258 2.39 3.82 -18.83
C ARG A 258 2.19 4.93 -17.79
N ASP A 259 1.26 4.73 -16.86
CA ASP A 259 0.82 5.74 -15.86
C ASP A 259 1.94 5.99 -14.85
N THR A 260 2.77 4.97 -14.59
CA THR A 260 3.99 5.07 -13.72
C THR A 260 5.01 5.96 -14.41
N SER A 261 5.28 5.72 -15.70
CA SER A 261 6.26 6.48 -16.52
C SER A 261 5.78 7.92 -16.68
N LYS A 262 4.50 8.11 -16.98
CA LYS A 262 3.81 9.42 -17.06
C LYS A 262 4.07 10.22 -15.78
N VAL A 263 4.05 9.57 -14.62
CA VAL A 263 4.27 10.20 -13.28
C VAL A 263 5.73 10.63 -13.14
N MET A 264 6.68 9.77 -13.57
CA MET A 264 8.14 10.03 -13.46
C MET A 264 8.55 11.09 -14.50
N ASN A 265 7.86 11.13 -15.64
CA ASN A 265 8.00 12.23 -16.65
C ASN A 265 7.56 13.54 -16.00
N HIS A 266 6.43 13.52 -15.29
CA HIS A 266 5.78 14.69 -14.65
C HIS A 266 6.70 15.30 -13.59
N ILE A 267 7.53 14.48 -12.93
CA ILE A 267 8.52 14.94 -11.91
C ILE A 267 9.73 15.54 -12.62
N CYS A 268 10.45 14.72 -13.40
CA CYS A 268 11.75 15.06 -14.05
C CYS A 268 11.62 16.29 -14.96
N SER A 269 10.43 16.53 -15.53
CA SER A 269 10.13 17.71 -16.40
C SER A 269 10.17 19.00 -15.57
N LYS A 270 9.92 18.91 -14.25
CA LYS A 270 10.03 20.04 -13.29
C LYS A 270 11.10 19.67 -12.25
N GLN A 271 12.24 19.13 -12.70
CA GLN A 271 13.26 18.49 -11.82
C GLN A 271 13.65 19.44 -10.68
N ASP A 272 14.29 20.57 -11.00
CA ASP A 272 14.86 21.51 -10.00
C ASP A 272 13.80 22.55 -9.56
N SER A 273 12.57 22.43 -10.07
CA SER A 273 11.37 23.16 -9.59
C SER A 273 10.56 22.27 -8.63
N ILE A 274 11.06 21.07 -8.31
CA ILE A 274 10.45 20.11 -7.35
C ILE A 274 11.50 19.69 -6.31
N SER A 275 12.58 19.03 -6.74
CA SER A 275 13.59 18.37 -5.85
C SER A 275 15.02 18.61 -6.35
N SER A 276 16.01 18.17 -5.57
CA SER A 276 17.47 18.31 -5.86
C SER A 276 18.27 17.08 -5.39
N LYS A 277 17.59 15.97 -5.06
CA LYS A 277 18.22 14.72 -4.55
C LYS A 277 18.04 13.57 -5.57
N ILE A 278 17.21 13.78 -6.60
CA ILE A 278 16.83 12.75 -7.62
C ILE A 278 17.39 13.16 -8.98
N LYS A 279 18.48 13.94 -8.99
CA LYS A 279 19.09 14.51 -10.22
C LYS A 279 19.62 13.38 -11.11
N GLU A 280 20.26 12.37 -10.53
CA GLU A 280 20.90 11.24 -11.26
C GLU A 280 19.88 10.11 -11.51
N CYS A 281 18.67 10.20 -10.93
CA CYS A 281 17.56 9.23 -11.12
C CYS A 281 16.89 9.47 -12.48
N CYS A 282 16.73 10.73 -12.89
CA CYS A 282 16.09 11.13 -14.17
C CYS A 282 17.01 10.81 -15.35
N GLU A 283 18.28 10.49 -15.08
CA GLU A 283 19.29 10.06 -16.09
C GLU A 283 19.32 8.52 -16.17
N LYS A 284 18.61 7.83 -15.28
CA LYS A 284 18.46 6.35 -15.29
C LYS A 284 17.35 5.96 -16.28
N LYS A 285 17.33 4.70 -16.71
CA LYS A 285 16.44 4.18 -17.78
C LYS A 285 15.27 3.42 -17.14
N ILE A 286 14.05 3.66 -17.65
CA ILE A 286 12.81 2.87 -17.36
C ILE A 286 13.19 1.43 -17.04
N PRO A 287 12.67 0.81 -15.95
CA PRO A 287 11.95 1.51 -14.88
C PRO A 287 12.79 1.74 -13.61
N GLU A 288 14.13 1.70 -13.74
CA GLU A 288 15.10 2.02 -12.64
C GLU A 288 14.77 3.43 -12.12
N ARG A 289 14.66 4.38 -13.04
CA ARG A 289 14.28 5.81 -12.81
C ARG A 289 12.99 5.86 -11.98
N GLY A 290 12.01 5.00 -12.30
CA GLY A 290 10.75 4.87 -11.54
C GLY A 290 11.00 4.61 -10.07
N GLN A 291 11.76 3.57 -9.75
CA GLN A 291 11.99 3.07 -8.36
C GLN A 291 13.14 3.86 -7.71
N CYS A 292 13.90 4.63 -8.50
CA CYS A 292 14.99 5.52 -8.01
C CYS A 292 14.37 6.68 -7.24
N ILE A 293 13.45 7.41 -7.86
CA ILE A 293 12.71 8.58 -7.28
C ILE A 293 12.00 8.13 -6.01
N ILE A 294 11.29 7.00 -6.08
CA ILE A 294 10.47 6.43 -4.96
C ILE A 294 11.40 6.09 -3.78
N ASN A 295 12.56 5.51 -4.06
CA ASN A 295 13.51 4.97 -3.04
C ASN A 295 14.35 6.11 -2.44
N SER A 296 14.42 7.26 -3.11
CA SER A 296 15.25 8.44 -2.70
C SER A 296 14.77 8.99 -1.36
N ASN A 297 15.56 9.88 -0.75
CA ASN A 297 15.24 10.57 0.52
C ASN A 297 14.49 11.87 0.21
N LYS A 298 13.81 12.43 1.21
CA LYS A 298 12.94 13.64 1.10
C LYS A 298 13.83 14.87 0.92
N ASP A 299 13.34 15.88 0.18
CA ASP A 299 14.11 17.09 -0.23
C ASP A 299 14.43 17.93 1.00
N ASP A 300 15.42 18.84 0.88
CA ASP A 300 16.10 19.54 2.01
C ASP A 300 15.18 20.60 2.65
N ARG A 301 13.99 20.87 2.09
CA ARG A 301 12.98 21.84 2.61
C ARG A 301 13.44 23.27 2.34
N PRO A 302 12.51 24.23 2.14
CA PRO A 302 12.86 25.63 1.87
C PRO A 302 13.29 26.40 3.12
N LYS A 303 13.38 27.72 3.03
CA LYS A 303 13.79 28.65 4.13
C LYS A 303 12.58 29.05 4.98
N ASP A 304 11.35 28.74 4.53
CA ASP A 304 10.07 29.11 5.19
C ASP A 304 9.80 28.16 6.37
N LEU A 305 9.55 28.71 7.56
CA LEU A 305 9.26 27.97 8.81
C LEU A 305 7.96 28.52 9.43
N GLU A 309 3.08 28.55 9.00
CA GLU A 309 1.82 28.73 8.24
C GLU A 309 0.65 28.86 9.24
N GLY A 310 -0.38 29.62 8.86
CA GLY A 310 -1.63 29.78 9.64
C GLY A 310 -2.68 30.54 8.87
N LYS A 311 -2.94 30.18 7.61
CA LYS A 311 -4.07 30.70 6.80
C LYS A 311 -5.34 29.96 7.23
N PHE A 312 -5.22 28.66 7.47
CA PHE A 312 -6.33 27.72 7.77
C PHE A 312 -6.88 27.97 9.18
N THR A 313 -6.13 28.69 10.02
CA THR A 313 -6.47 28.99 11.43
C THR A 313 -6.79 30.48 11.59
N ASP A 314 -5.89 31.36 11.15
CA ASP A 314 -5.93 32.82 11.44
C ASP A 314 -7.11 33.47 10.70
N SER A 315 -7.31 33.13 9.42
CA SER A 315 -8.33 33.73 8.52
C SER A 315 -9.73 33.62 9.12
N GLU A 316 -10.63 34.53 8.73
CA GLU A 316 -12.02 34.66 9.24
C GLU A 316 -13.00 33.97 8.29
N ASN A 317 -12.67 33.90 6.99
CA ASN A 317 -13.50 33.26 5.93
C ASN A 317 -12.87 31.91 5.56
N VAL A 318 -12.70 31.03 6.55
CA VAL A 318 -12.18 29.64 6.40
C VAL A 318 -13.35 28.75 5.97
N CYS A 319 -14.50 28.91 6.63
CA CYS A 319 -15.79 28.21 6.33
C CYS A 319 -16.15 28.42 4.86
N GLN A 320 -15.98 29.66 4.38
CA GLN A 320 -16.29 30.04 2.97
C GLN A 320 -15.35 29.27 2.03
N GLU A 321 -14.04 29.36 2.26
CA GLU A 321 -13.00 28.66 1.45
C GLU A 321 -13.18 27.14 1.55
N ARG A 322 -13.69 26.64 2.69
CA ARG A 322 -14.05 25.21 2.87
C ARG A 322 -15.32 24.91 2.07
N ASP A 323 -16.36 25.71 2.26
CA ASP A 323 -17.68 25.56 1.56
C ASP A 323 -17.48 25.73 0.06
N ALA A 324 -16.49 26.55 -0.35
CA ALA A 324 -16.16 26.87 -1.76
C ALA A 324 -15.86 25.60 -2.55
N ASP A 325 -14.83 24.85 -2.15
CA ASP A 325 -14.38 23.60 -2.82
C ASP A 325 -13.70 22.71 -1.79
N PRO A 326 -14.47 21.97 -0.95
CA PRO A 326 -13.94 21.32 0.24
C PRO A 326 -12.65 20.51 0.02
N ASP A 327 -12.70 19.54 -0.88
CA ASP A 327 -11.68 18.46 -1.00
C ASP A 327 -10.34 19.08 -1.44
N THR A 328 -10.38 20.16 -2.24
CA THR A 328 -9.19 20.97 -2.61
C THR A 328 -8.68 21.71 -1.37
N PHE A 329 -9.56 22.45 -0.69
CA PHE A 329 -9.26 23.23 0.54
C PHE A 329 -8.52 22.32 1.53
N PHE A 330 -9.08 21.13 1.78
CA PHE A 330 -8.49 20.11 2.68
C PHE A 330 -7.17 19.62 2.09
N ALA A 331 -7.20 19.18 0.82
CA ALA A 331 -5.99 18.79 0.05
C ALA A 331 -4.90 19.85 0.26
N LYS A 332 -5.26 21.13 0.21
CA LYS A 332 -4.33 22.27 0.40
C LYS A 332 -3.79 22.24 1.84
N PHE A 333 -4.67 21.99 2.82
CA PHE A 333 -4.29 21.93 4.26
C PHE A 333 -3.31 20.79 4.49
N THR A 334 -3.52 19.63 3.83
CA THR A 334 -2.65 18.43 3.98
C THR A 334 -1.31 18.73 3.29
N PHE A 335 -1.37 19.39 2.13
CA PHE A 335 -0.18 19.88 1.36
C PHE A 335 0.69 20.75 2.29
N GLU A 336 0.13 21.87 2.76
CA GLU A 336 0.85 22.92 3.53
C GLU A 336 1.37 22.35 4.85
N TYR A 337 0.56 21.58 5.60
CA TYR A 337 0.94 21.03 6.92
C TYR A 337 1.98 19.91 6.74
N SER A 338 1.87 19.12 5.67
CA SER A 338 2.81 18.00 5.35
C SER A 338 4.22 18.55 5.12
N ARG A 339 4.36 19.48 4.17
CA ARG A 339 5.67 20.00 3.71
C ARG A 339 6.36 20.76 4.85
N ARG A 340 5.62 21.16 5.88
CA ARG A 340 6.14 21.86 7.08
C ARG A 340 6.37 20.86 8.23
N HIS A 341 6.22 19.55 7.99
CA HIS A 341 6.37 18.47 9.00
C HIS A 341 6.92 17.21 8.35
N PRO A 342 8.19 17.20 7.87
CA PRO A 342 8.79 16.00 7.29
C PRO A 342 9.35 15.02 8.33
N ASP A 343 8.94 15.17 9.59
CA ASP A 343 9.37 14.34 10.75
C ASP A 343 8.15 13.62 11.33
N LEU A 344 7.04 13.58 10.58
CA LEU A 344 5.74 12.96 10.99
C LEU A 344 5.49 11.70 10.15
N SER A 345 4.42 10.98 10.50
CA SER A 345 3.94 9.76 9.80
C SER A 345 2.86 10.16 8.79
N ILE A 346 2.64 9.32 7.77
CA ILE A 346 1.57 9.47 6.74
C ILE A 346 0.21 9.25 7.42
N PRO A 347 0.02 8.18 8.23
CA PRO A 347 -1.23 8.01 8.98
C PRO A 347 -1.57 9.20 9.89
N GLU A 348 -0.57 9.84 10.50
CA GLU A 348 -0.76 11.03 11.39
C GLU A 348 -1.19 12.23 10.54
N LEU A 349 -0.56 12.42 9.37
CA LEU A 349 -0.82 13.58 8.48
C LEU A 349 -2.25 13.49 7.90
N LEU A 350 -2.91 12.34 8.04
CA LEU A 350 -4.35 12.15 7.69
C LEU A 350 -5.21 12.31 8.95
N ARG A 351 -4.82 11.67 10.06
CA ARG A 351 -5.48 11.81 11.39
C ARG A 351 -5.74 13.29 11.67
N ILE A 352 -4.71 14.12 11.48
CA ILE A 352 -4.75 15.60 11.72
C ILE A 352 -5.76 16.23 10.77
N VAL A 353 -5.63 15.97 9.46
CA VAL A 353 -6.52 16.54 8.40
C VAL A 353 -7.96 16.18 8.74
N GLN A 354 -8.21 14.92 9.11
CA GLN A 354 -9.54 14.42 9.53
C GLN A 354 -10.01 15.22 10.75
N ILE A 355 -9.19 15.27 11.81
CA ILE A 355 -9.46 16.03 13.07
C ILE A 355 -9.85 17.47 12.69
N TYR A 356 -9.09 18.10 11.77
CA TYR A 356 -9.32 19.49 11.30
C TYR A 356 -10.67 19.58 10.57
N LYS A 357 -10.97 18.60 9.73
CA LYS A 357 -12.28 18.49 9.00
C LYS A 357 -13.40 18.41 10.04
N ASP A 358 -13.17 17.69 11.15
CA ASP A 358 -14.13 17.52 12.27
C ASP A 358 -14.25 18.83 13.06
N LEU A 359 -13.15 19.58 13.20
CA LEU A 359 -13.10 20.87 13.95
C LEU A 359 -13.99 21.90 13.25
N LEU A 360 -13.78 22.13 11.95
CA LEU A 360 -14.57 23.08 11.12
C LEU A 360 -16.04 22.67 11.12
N ARG A 361 -16.31 21.35 11.00
CA ARG A 361 -17.68 20.77 10.97
C ARG A 361 -18.45 21.17 12.25
N ASN A 362 -17.75 21.28 13.38
CA ASN A 362 -18.33 21.67 14.70
C ASN A 362 -18.27 23.19 14.89
N CYS A 363 -17.50 23.90 14.06
CA CYS A 363 -17.13 25.33 14.24
C CYS A 363 -17.98 26.26 13.36
N CYS A 364 -18.10 25.95 12.07
CA CYS A 364 -18.81 26.77 11.05
C CYS A 364 -20.33 26.66 11.21
N ASN A 365 -20.80 26.29 12.41
CA ASN A 365 -22.24 26.16 12.75
C ASN A 365 -22.47 26.81 14.12
N THR A 366 -21.76 27.90 14.42
CA THR A 366 -21.82 28.66 15.70
C THR A 366 -21.53 30.15 15.44
N GLU A 367 -22.20 31.04 16.17
CA GLU A 367 -21.96 32.51 16.14
C GLU A 367 -20.50 32.76 16.56
N ASN A 368 -19.78 33.59 15.81
CA ASN A 368 -18.31 33.81 15.91
C ASN A 368 -17.61 32.48 15.59
N PRO A 369 -17.55 32.08 14.30
CA PRO A 369 -16.87 30.83 13.92
C PRO A 369 -15.41 30.75 14.36
N PRO A 370 -14.53 31.69 13.96
CA PRO A 370 -13.08 31.51 14.13
C PRO A 370 -12.66 31.24 15.58
N GLY A 371 -13.28 31.92 16.54
CA GLY A 371 -13.02 31.75 17.99
C GLY A 371 -12.65 30.32 18.34
N CYS A 372 -13.40 29.34 17.83
CA CYS A 372 -13.27 27.90 18.18
C CYS A 372 -12.14 27.24 17.37
N TYR A 373 -11.97 27.60 16.09
CA TYR A 373 -10.90 27.04 15.21
C TYR A 373 -9.65 27.92 15.23
N ARG A 374 -9.61 28.93 16.11
CA ARG A 374 -8.41 29.79 16.35
C ARG A 374 -7.19 28.89 16.57
N TYR A 375 -7.30 27.94 17.51
CA TYR A 375 -6.19 27.06 17.96
C TYR A 375 -6.42 25.63 17.48
N ALA A 376 -6.64 25.45 16.17
CA ALA A 376 -6.52 24.15 15.48
C ALA A 376 -5.04 23.75 15.50
N GLU A 377 -4.15 24.74 15.31
CA GLU A 377 -2.68 24.59 15.32
C GLU A 377 -2.25 23.92 16.63
N ASP A 378 -2.72 24.43 17.77
CA ASP A 378 -2.39 23.92 19.12
C ASP A 378 -3.03 22.55 19.32
N LYS A 379 -4.22 22.33 18.77
CA LYS A 379 -4.97 21.03 18.86
C LYS A 379 -4.19 19.93 18.15
N PHE A 380 -3.43 20.27 17.10
CA PHE A 380 -2.56 19.31 16.37
C PHE A 380 -1.34 18.99 17.24
N ASN A 381 -0.50 19.99 17.53
CA ASN A 381 0.73 19.84 18.37
C ASN A 381 0.37 19.04 19.64
N GLU A 382 -0.88 19.11 20.09
CA GLU A 382 -1.39 18.25 21.19
C GLU A 382 -1.44 16.79 20.71
N THR A 383 -2.41 16.46 19.87
CA THR A 383 -2.72 15.06 19.42
C THR A 383 -1.47 14.42 18.81
N THR A 384 -0.58 15.21 18.20
CA THR A 384 0.71 14.77 17.60
C THR A 384 1.69 14.36 18.69
N GLU A 385 2.01 15.27 19.62
CA GLU A 385 2.99 15.07 20.72
C GLU A 385 2.54 13.91 21.61
N LYS A 386 1.22 13.73 21.77
CA LYS A 386 0.60 12.58 22.47
C LYS A 386 0.99 11.29 21.73
N SER A 387 0.85 11.28 20.40
CA SER A 387 1.12 10.11 19.53
C SER A 387 2.62 9.78 19.51
N LEU A 388 3.47 10.82 19.50
CA LEU A 388 4.95 10.68 19.48
C LEU A 388 5.41 10.06 20.81
N LYS A 389 4.92 10.60 21.92
CA LYS A 389 5.21 10.12 23.30
C LYS A 389 4.65 8.69 23.47
N MET A 390 3.56 8.37 22.77
CA MET A 390 2.91 7.03 22.82
C MET A 390 3.81 6.00 22.13
N VAL A 391 4.57 6.43 21.12
CA VAL A 391 5.57 5.58 20.40
C VAL A 391 6.76 5.33 21.34
N GLN A 392 7.14 6.35 22.12
CA GLN A 392 8.25 6.28 23.12
C GLN A 392 7.90 5.26 24.22
N GLN A 393 6.62 5.16 24.59
CA GLN A 393 6.09 4.25 25.65
C GLN A 393 6.21 2.78 25.19
N GLU A 394 6.23 2.53 23.88
CA GLU A 394 6.33 1.17 23.29
C GLU A 394 7.77 0.89 22.82
N CYS A 395 8.61 1.93 22.69
CA CYS A 395 10.04 1.80 22.31
C CYS A 395 10.91 1.57 23.55
N LYS A 396 10.29 1.58 24.74
CA LYS A 396 10.92 1.19 26.04
C LYS A 396 10.56 -0.27 26.35
N HIS A 397 9.31 -0.67 26.07
CA HIS A 397 8.83 -2.08 26.08
C HIS A 397 9.75 -2.95 25.21
N PHE A 398 10.28 -2.37 24.12
CA PHE A 398 11.26 -3.02 23.21
C PHE A 398 12.59 -3.25 23.96
N GLN A 399 13.13 -2.19 24.57
CA GLN A 399 14.40 -2.25 25.36
C GLN A 399 14.21 -3.20 26.56
N ASN A 400 13.02 -3.18 27.17
CA ASN A 400 12.69 -3.95 28.39
C ASN A 400 12.11 -5.33 28.04
N LEU A 401 12.48 -5.88 26.87
CA LEU A 401 12.07 -7.25 26.41
C LEU A 401 13.04 -7.74 25.33
N GLY A 402 13.17 -6.99 24.24
CA GLY A 402 13.95 -7.37 23.05
C GLY A 402 13.04 -7.93 21.96
N LYS A 403 13.60 -8.21 20.78
CA LYS A 403 12.86 -8.66 19.57
C LYS A 403 11.83 -9.73 19.98
N ASP A 404 12.32 -10.88 20.45
CA ASP A 404 11.49 -12.08 20.76
C ASP A 404 10.48 -11.72 21.86
N GLY A 405 10.97 -11.14 22.96
CA GLY A 405 10.15 -10.75 24.13
C GLY A 405 8.93 -9.94 23.74
N LEU A 406 9.12 -8.94 22.87
CA LEU A 406 8.03 -8.10 22.29
C LEU A 406 7.22 -8.93 21.29
N LYS A 407 7.88 -9.68 20.42
CA LYS A 407 7.24 -10.56 19.40
C LYS A 407 6.12 -11.35 20.09
N TYR A 408 6.43 -11.97 21.24
CA TYR A 408 5.52 -12.86 22.00
C TYR A 408 4.37 -12.04 22.61
N HIS A 409 4.64 -10.81 23.01
CA HIS A 409 3.62 -9.86 23.55
C HIS A 409 2.55 -9.60 22.48
N TYR A 410 2.97 -9.15 21.30
CA TYR A 410 2.08 -8.79 20.16
C TYR A 410 1.25 -10.00 19.74
N LEU A 411 1.92 -11.12 19.41
CA LEU A 411 1.27 -12.38 18.93
C LEU A 411 0.08 -12.72 19.84
N ILE A 412 0.28 -12.69 21.16
CA ILE A 412 -0.81 -12.88 22.16
C ILE A 412 -1.90 -11.85 21.88
N ARG A 413 -1.52 -10.57 21.81
CA ARG A 413 -2.44 -9.41 21.66
C ARG A 413 -3.16 -9.53 20.30
N LEU A 414 -2.38 -9.54 19.21
CA LEU A 414 -2.87 -9.61 17.81
C LEU A 414 -3.86 -10.78 17.67
N THR A 415 -3.58 -11.91 18.31
CA THR A 415 -4.44 -13.12 18.33
C THR A 415 -5.67 -12.86 19.20
N LYS A 416 -5.46 -12.34 20.41
CA LYS A 416 -6.54 -12.01 21.39
C LYS A 416 -7.67 -11.28 20.66
N ILE A 417 -7.34 -10.22 19.92
CA ILE A 417 -8.33 -9.32 19.27
C ILE A 417 -8.90 -9.98 18.01
N ALA A 418 -8.07 -10.74 17.27
CA ALA A 418 -8.39 -11.28 15.94
C ALA A 418 -8.06 -12.77 15.86
N PRO A 419 -8.67 -13.63 16.70
CA PRO A 419 -8.33 -15.06 16.72
C PRO A 419 -8.95 -15.88 15.59
N GLN A 420 -9.80 -15.27 14.75
CA GLN A 420 -10.42 -15.95 13.57
C GLN A 420 -9.37 -16.10 12.46
N LEU A 421 -8.34 -15.25 12.46
CA LEU A 421 -7.23 -15.29 11.47
C LEU A 421 -6.50 -16.64 11.54
N SER A 422 -5.62 -16.90 10.57
CA SER A 422 -4.76 -18.10 10.47
C SER A 422 -3.51 -17.91 11.34
N THR A 423 -3.03 -18.99 11.97
CA THR A 423 -1.84 -18.98 12.85
C THR A 423 -0.64 -18.41 12.06
N GLU A 424 -0.49 -18.79 10.79
CA GLU A 424 0.62 -18.30 9.92
C GLU A 424 0.36 -16.84 9.51
N GLU A 425 -0.90 -16.46 9.28
CA GLU A 425 -1.31 -15.06 9.03
C GLU A 425 -0.87 -14.22 10.25
N LEU A 426 -1.33 -14.60 11.45
CA LEU A 426 -1.05 -13.90 12.74
C LEU A 426 0.45 -13.90 13.03
N VAL A 427 1.13 -15.03 12.79
CA VAL A 427 2.61 -15.17 12.91
C VAL A 427 3.31 -14.10 12.06
N SER A 428 2.99 -14.03 10.78
CA SER A 428 3.61 -13.10 9.79
C SER A 428 3.55 -11.67 10.32
N LEU A 429 2.33 -11.19 10.63
CA LEU A 429 2.08 -9.82 11.16
C LEU A 429 3.03 -9.56 12.34
N GLY A 430 3.13 -10.52 13.27
CA GLY A 430 3.97 -10.44 14.47
C GLY A 430 5.43 -10.13 14.16
N GLU A 431 5.92 -10.51 12.99
CA GLU A 431 7.31 -10.25 12.54
C GLU A 431 7.38 -8.91 11.79
N LYS A 432 6.32 -8.58 11.03
CA LYS A 432 6.18 -7.28 10.31
C LYS A 432 6.01 -6.16 11.35
N MET A 433 5.31 -6.45 12.45
CA MET A 433 5.06 -5.52 13.58
C MET A 433 6.39 -5.19 14.28
N VAL A 434 7.16 -6.23 14.61
CA VAL A 434 8.43 -6.11 15.41
C VAL A 434 9.53 -5.50 14.53
N THR A 435 9.42 -5.62 13.20
CA THR A 435 10.35 -5.02 12.21
C THR A 435 10.28 -3.49 12.31
N ALA A 436 9.10 -2.95 12.61
CA ALA A 436 8.85 -1.49 12.81
C ALA A 436 9.68 -0.99 14.00
N PHE A 437 9.84 -1.82 15.04
CA PHE A 437 10.60 -1.50 16.27
C PHE A 437 12.06 -1.95 16.11
N THR A 438 12.31 -3.00 15.32
CA THR A 438 13.67 -3.55 15.03
C THR A 438 14.56 -2.39 14.57
N THR A 439 14.15 -1.71 13.51
CA THR A 439 14.79 -0.47 12.99
C THR A 439 13.89 0.73 13.33
N CYS A 440 14.47 1.94 13.30
CA CYS A 440 13.78 3.25 13.35
C CYS A 440 12.97 3.42 14.64
N CYS A 441 13.44 2.84 15.75
CA CYS A 441 12.83 2.98 17.11
C CYS A 441 13.93 3.26 18.12
N THR A 442 14.74 4.28 17.84
CA THR A 442 15.88 4.77 18.67
C THR A 442 16.71 5.77 17.85
N LEU A 443 16.05 6.77 17.27
CA LEU A 443 16.69 7.81 16.41
C LEU A 443 15.69 8.93 16.09
N SER A 444 16.18 10.01 15.46
CA SER A 444 15.36 11.17 15.02
C SER A 444 14.32 10.69 14.01
N GLU A 445 13.06 11.13 14.17
CA GLU A 445 11.89 10.72 13.36
C GLU A 445 11.59 9.23 13.62
N GLU A 446 11.71 8.77 14.87
CA GLU A 446 11.38 7.37 15.27
C GLU A 446 9.87 7.15 15.21
N PHE A 447 9.09 8.23 15.36
CA PHE A 447 7.61 8.23 15.23
C PHE A 447 7.22 8.22 13.75
N ALA A 448 7.95 8.98 12.92
CA ALA A 448 7.73 9.12 11.47
C ALA A 448 7.79 7.76 10.78
N CYS A 449 8.38 6.76 11.43
CA CYS A 449 8.57 5.38 10.91
C CYS A 449 7.60 4.41 11.58
N VAL A 450 7.78 4.15 12.89
CA VAL A 450 7.03 3.13 13.67
C VAL A 450 5.53 3.25 13.37
N ASP A 451 5.01 4.46 13.15
CA ASP A 451 3.59 4.72 12.80
C ASP A 451 3.36 4.34 11.33
N ASN A 452 4.17 4.88 10.40
CA ASN A 452 4.13 4.55 8.96
C ASN A 452 4.19 3.03 8.77
N LEU A 453 5.02 2.35 9.57
CA LEU A 453 5.45 0.93 9.37
C LEU A 453 4.46 -0.03 10.05
N ALA A 454 3.97 0.32 11.25
CA ALA A 454 2.97 -0.46 12.01
C ALA A 454 1.63 -0.44 11.26
N ASP A 455 1.30 0.69 10.63
CA ASP A 455 0.03 0.87 9.86
C ASP A 455 -0.05 -0.19 8.76
N LEU A 456 1.09 -0.58 8.18
CA LEU A 456 1.18 -1.58 7.08
C LEU A 456 0.66 -2.94 7.56
N VAL A 457 0.86 -3.27 8.84
CA VAL A 457 0.60 -4.64 9.40
C VAL A 457 -0.90 -4.82 9.66
N PHE A 458 -1.67 -3.72 9.68
CA PHE A 458 -3.14 -3.72 9.90
C PHE A 458 -3.84 -3.81 8.54
N GLY A 459 -3.26 -3.19 7.51
CA GLY A 459 -3.65 -3.38 6.10
C GLY A 459 -3.55 -4.85 5.69
N GLU A 460 -2.47 -5.52 6.10
CA GLU A 460 -2.27 -6.98 5.94
C GLU A 460 -3.42 -7.71 6.65
N LEU A 461 -3.65 -7.36 7.92
CA LEU A 461 -4.70 -7.93 8.81
C LEU A 461 -6.07 -7.77 8.16
N CYS A 462 -6.42 -6.54 7.78
CA CYS A 462 -7.73 -6.15 7.20
C CYS A 462 -7.94 -6.75 5.80
N GLY A 463 -6.85 -7.18 5.14
CA GLY A 463 -6.88 -7.75 3.78
C GLY A 463 -6.66 -6.69 2.72
N VAL A 464 -6.22 -7.11 1.53
CA VAL A 464 -5.83 -6.21 0.40
C VAL A 464 -6.97 -6.15 -0.62
N ASN A 465 -7.46 -7.31 -1.06
CA ASN A 465 -8.40 -7.47 -2.20
C ASN A 465 -9.67 -8.20 -1.76
N GLU A 466 -10.18 -7.90 -0.56
CA GLU A 466 -11.41 -8.54 -0.02
C GLU A 466 -11.93 -7.75 1.18
N ASN A 467 -13.26 -7.62 1.26
CA ASN A 467 -14.00 -7.11 2.44
C ASN A 467 -14.18 -8.30 3.40
N ARG A 468 -13.35 -8.35 4.46
CA ARG A 468 -13.17 -9.56 5.32
C ARG A 468 -14.13 -9.53 6.51
N THR A 469 -14.50 -10.72 7.00
CA THR A 469 -15.29 -10.95 8.24
C THR A 469 -14.41 -11.71 9.23
N ILE A 470 -13.70 -10.97 10.10
CA ILE A 470 -12.76 -11.50 11.12
C ILE A 470 -13.48 -11.56 12.47
N ASN A 471 -14.00 -10.41 12.94
CA ASN A 471 -14.91 -10.31 14.12
C ASN A 471 -15.49 -8.89 14.17
N PRO A 472 -16.74 -8.72 14.65
CA PRO A 472 -17.39 -7.40 14.65
C PRO A 472 -16.76 -6.46 15.68
N ALA A 473 -15.64 -5.83 15.29
CA ALA A 473 -14.75 -5.00 16.15
C ALA A 473 -13.45 -4.75 15.40
N VAL A 474 -12.83 -5.84 14.91
CA VAL A 474 -11.68 -5.82 13.94
C VAL A 474 -12.23 -5.38 12.59
N ASP A 475 -13.42 -5.84 12.21
CA ASP A 475 -14.15 -5.44 10.98
C ASP A 475 -14.46 -3.93 11.06
N HIS A 476 -14.90 -3.44 12.22
CA HIS A 476 -15.24 -2.01 12.46
C HIS A 476 -13.99 -1.14 12.39
N CYS A 477 -12.81 -1.68 12.74
CA CYS A 477 -11.51 -0.95 12.69
C CYS A 477 -11.03 -0.85 11.24
N CYS A 478 -11.37 -1.83 10.40
CA CYS A 478 -10.96 -1.91 8.97
C CYS A 478 -11.92 -1.09 8.10
N LYS A 479 -13.23 -1.41 8.16
CA LYS A 479 -14.27 -0.82 7.27
C LYS A 479 -14.95 0.36 7.97
N THR A 480 -14.17 1.38 8.36
CA THR A 480 -14.68 2.64 8.96
C THR A 480 -13.84 3.83 8.50
N ASN A 481 -12.57 3.88 8.90
CA ASN A 481 -11.67 5.04 8.67
C ASN A 481 -10.23 4.56 8.52
N PHE A 482 -9.57 4.90 7.41
CA PHE A 482 -8.18 4.49 7.06
C PHE A 482 -7.19 5.07 8.05
N ALA A 483 -7.28 6.37 8.33
CA ALA A 483 -6.36 7.12 9.23
C ALA A 483 -6.42 6.50 10.63
N PHE A 484 -7.62 6.48 11.23
CA PHE A 484 -7.90 5.99 12.59
C PHE A 484 -8.30 4.51 12.55
N ARG A 485 -7.34 3.63 12.20
CA ARG A 485 -7.48 2.15 12.33
C ARG A 485 -6.43 1.62 13.31
N ARG A 486 -5.21 2.16 13.28
CA ARG A 486 -4.12 1.83 14.25
C ARG A 486 -4.58 2.14 15.67
N PRO A 487 -5.06 3.38 15.97
CA PRO A 487 -5.57 3.70 17.31
C PRO A 487 -6.84 2.90 17.64
N CYS A 488 -7.66 2.59 16.64
CA CYS A 488 -8.85 1.70 16.74
C CYS A 488 -8.41 0.32 17.23
N PHE A 489 -7.39 -0.26 16.57
CA PHE A 489 -6.80 -1.58 16.89
C PHE A 489 -6.12 -1.54 18.26
N GLU A 490 -5.44 -0.43 18.57
CA GLU A 490 -4.73 -0.22 19.86
C GLU A 490 -5.72 -0.24 21.03
N SER A 491 -7.01 -0.01 20.76
CA SER A 491 -8.08 0.13 21.79
C SER A 491 -9.05 -1.06 21.76
N LEU A 492 -8.60 -2.23 21.29
CA LEU A 492 -9.43 -3.47 21.19
C LEU A 492 -9.03 -4.45 22.29
N LYS A 493 -9.99 -4.88 23.11
CA LYS A 493 -9.82 -5.95 24.13
C LYS A 493 -10.01 -7.31 23.45
N ALA A 494 -9.86 -8.40 24.21
CA ALA A 494 -10.03 -9.81 23.74
C ALA A 494 -11.38 -9.95 23.02
N ASP A 495 -11.40 -10.71 21.91
CA ASP A 495 -12.60 -10.90 21.05
C ASP A 495 -13.70 -11.61 21.86
N LYS A 496 -14.49 -10.83 22.60
CA LYS A 496 -15.59 -11.32 23.49
C LYS A 496 -16.34 -12.48 22.81
N THR A 497 -16.82 -12.25 21.58
CA THR A 497 -17.58 -13.25 20.78
C THR A 497 -16.61 -14.07 19.92
N TYR A 498 -16.20 -15.23 20.44
CA TYR A 498 -15.38 -16.24 19.71
C TYR A 498 -15.66 -17.64 20.27
N VAL A 499 -15.98 -18.59 19.37
CA VAL A 499 -16.21 -20.03 19.66
C VAL A 499 -15.07 -20.82 19.02
N PRO A 500 -14.02 -21.22 19.77
CA PRO A 500 -12.85 -21.89 19.19
C PRO A 500 -13.14 -23.27 18.61
N PRO A 501 -12.23 -23.82 17.76
CA PRO A 501 -12.24 -25.23 17.39
C PRO A 501 -11.23 -26.05 18.21
N PRO A 502 -11.21 -27.39 18.07
CA PRO A 502 -10.18 -28.22 18.70
C PRO A 502 -8.77 -28.02 18.12
N PHE A 503 -7.74 -28.58 18.77
CA PHE A 503 -6.30 -28.41 18.39
C PHE A 503 -5.52 -29.72 18.60
N SER A 504 -4.89 -29.90 19.77
CA SER A 504 -4.02 -31.07 20.10
C SER A 504 -2.77 -31.07 19.21
N GLU A 521 11.01 -21.46 10.46
CA GLU A 521 11.93 -22.36 11.20
C GLU A 521 11.54 -22.36 12.69
N LEU A 522 12.44 -22.84 13.56
CA LEU A 522 12.28 -22.85 15.05
C LEU A 522 11.54 -21.58 15.51
N GLN A 523 12.00 -20.41 15.04
CA GLN A 523 11.42 -19.09 15.38
C GLN A 523 9.94 -19.06 14.98
N ARG A 524 9.62 -19.52 13.77
CA ARG A 524 8.24 -19.63 13.22
C ARG A 524 7.47 -20.71 14.01
N LYS A 525 8.12 -21.84 14.29
CA LYS A 525 7.56 -22.98 15.08
C LYS A 525 7.08 -22.47 16.44
N THR A 526 7.97 -21.79 17.17
CA THR A 526 7.72 -21.16 18.50
C THR A 526 6.47 -20.27 18.43
N ASP A 527 6.45 -19.35 17.46
CA ASP A 527 5.36 -18.38 17.23
C ASP A 527 4.05 -19.13 16.99
N ARG A 528 4.05 -20.07 16.04
CA ARG A 528 2.85 -20.89 15.70
C ARG A 528 2.29 -21.49 17.01
N PHE A 529 3.16 -22.11 17.81
CA PHE A 529 2.79 -22.73 19.12
C PHE A 529 2.06 -21.70 19.99
N LEU A 530 2.67 -20.51 20.16
CA LEU A 530 2.12 -19.40 20.99
C LEU A 530 0.72 -19.02 20.49
N VAL A 531 0.59 -18.76 19.18
CA VAL A 531 -0.67 -18.29 18.54
C VAL A 531 -1.76 -19.35 18.76
N ASN A 532 -1.41 -20.63 18.60
CA ASN A 532 -2.35 -21.78 18.81
C ASN A 532 -2.66 -21.88 20.30
N LEU A 533 -1.64 -21.79 21.15
CA LEU A 533 -1.78 -21.83 22.63
C LEU A 533 -2.72 -20.71 23.07
N VAL A 534 -2.60 -19.52 22.47
CA VAL A 534 -3.45 -18.33 22.79
C VAL A 534 -4.88 -18.60 22.31
N LYS A 535 -5.05 -19.06 21.07
CA LYS A 535 -6.37 -19.42 20.48
C LYS A 535 -7.07 -20.44 21.39
N LEU A 536 -6.33 -21.43 21.89
CA LEU A 536 -6.86 -22.53 22.75
C LEU A 536 -7.35 -21.92 24.07
N LYS A 537 -6.43 -21.30 24.82
CA LYS A 537 -6.69 -20.71 26.17
C LYS A 537 -7.04 -19.22 25.99
N HIS A 538 -8.03 -18.92 25.15
CA HIS A 538 -8.47 -17.55 24.77
C HIS A 538 -9.22 -16.89 25.93
N GLU A 539 -9.77 -17.70 26.85
CA GLU A 539 -10.60 -17.24 28.00
C GLU A 539 -9.70 -16.71 29.12
N LEU A 540 -8.37 -16.82 28.97
CA LEU A 540 -7.35 -16.34 29.95
C LEU A 540 -6.86 -14.94 29.55
N THR A 541 -5.85 -14.42 30.24
CA THR A 541 -5.39 -13.01 30.15
C THR A 541 -3.94 -12.95 29.63
N ASP A 542 -3.47 -11.74 29.32
CA ASP A 542 -2.15 -11.48 28.66
C ASP A 542 -1.01 -12.06 29.51
N GLU A 543 -1.03 -11.86 30.83
CA GLU A 543 0.10 -12.19 31.74
C GLU A 543 0.16 -13.71 31.96
N GLU A 544 -1.00 -14.38 32.05
CA GLU A 544 -1.11 -15.86 32.24
C GLU A 544 -0.32 -16.61 31.15
N LEU A 545 -0.67 -16.38 29.89
CA LEU A 545 -0.18 -17.13 28.71
C LEU A 545 1.35 -16.97 28.59
N GLN A 546 1.87 -15.77 28.87
CA GLN A 546 3.32 -15.42 28.85
C GLN A 546 4.10 -16.45 29.69
C1 NAG B . -13.16 -25.87 -9.07
C2 NAG B . -14.35 -25.91 -8.10
C3 NAG B . -14.97 -27.30 -8.03
C4 NAG B . -15.24 -27.87 -9.41
C5 NAG B . -14.01 -27.73 -10.31
C6 NAG B . -14.30 -28.19 -11.73
C7 NAG B . -14.33 -24.33 -6.24
C8 NAG B . -13.76 -23.95 -4.90
N2 NAG B . -13.92 -25.48 -6.78
O3 NAG B . -16.22 -27.22 -7.31
O4 NAG B . -15.60 -29.26 -9.29
O5 NAG B . -13.58 -26.36 -10.34
O6 NAG B . -15.18 -27.26 -12.38
O7 NAG B . -15.12 -23.59 -6.81
C1 NAG B . -16.99 -29.47 -9.63
C2 NAG B . -17.27 -30.90 -10.04
C3 NAG B . -18.71 -31.01 -10.53
C4 NAG B . -19.69 -30.47 -9.50
C5 NAG B . -19.23 -29.10 -8.94
C6 NAG B . -20.09 -28.68 -7.75
C7 NAG B . -15.13 -31.80 -10.79
C8 NAG B . -14.27 -32.22 -11.95
N2 NAG B . -16.34 -31.33 -11.08
O3 NAG B . -19.03 -32.38 -10.82
O4 NAG B . -20.97 -30.32 -10.09
O5 NAG B . -17.85 -29.16 -8.54
O6 NAG B . -19.25 -28.33 -6.64
O7 NAG B . -14.73 -31.89 -9.65
GD GD C . 14.25 4.66 5.15
GD GD D . -10.16 -15.24 -33.26
GD GD E . 8.88 5.18 2.17
C1 NAG F . -16.13 -3.21 0.16
C2 NAG F . -16.48 -3.40 -1.31
C3 NAG F . -16.35 -2.08 -2.06
C4 NAG F . -17.19 -1.00 -1.36
C5 NAG F . -16.87 -0.93 0.13
C6 NAG F . -17.78 0.05 0.86
C7 NAG F . -16.02 -5.67 -2.20
C8 NAG F . -17.44 -6.04 -1.87
N2 NAG F . -15.60 -4.41 -1.92
O3 NAG F . -16.79 -2.24 -3.40
O4 NAG F . -16.93 0.27 -1.97
O5 NAG F . -17.02 -2.24 0.72
O6 NAG F . -18.79 -0.65 1.60
O7 NAG F . -15.25 -6.48 -2.70
C1 NAG G . 4.88 22.05 17.53
C2 NAG G . 5.18 23.56 17.59
C3 NAG G . 6.50 23.89 16.90
C4 NAG G . 7.61 22.99 17.41
C5 NAG G . 7.20 21.53 17.30
C6 NAG G . 8.30 20.59 17.80
C7 NAG G . 3.26 25.07 17.71
C8 NAG G . 2.21 25.82 16.95
N2 NAG G . 4.10 24.32 16.98
O3 NAG G . 6.84 25.26 17.13
O4 NAG G . 8.81 23.23 16.65
O5 NAG G . 6.00 21.31 18.05
O6 NAG G . 8.72 20.99 19.11
O7 NAG G . 3.34 25.14 18.92
N1 DO3 H . 15.91 2.54 5.86
N2 DO3 H . 15.67 3.53 3.10
N3 DO3 H . 15.65 6.40 3.79
N4 DO3 H . 16.15 5.45 6.90
O1 DO3 H . 13.10 2.23 5.77
O3 DO3 H . 13.05 4.92 2.73
O5 DO3 H . 13.37 7.19 4.90
O7 DO3 H . 13.61 5.12 7.69
C1 DO3 H . 16.20 1.69 4.70
C2 DO3 H . 16.62 2.48 3.47
C3 DO3 H . 16.26 4.55 2.24
C4 DO3 H . 16.73 5.78 2.99
C5 DO3 H . 16.18 7.06 5.00
C6 DO3 H . 16.98 6.13 5.89
C7 DO3 H . 16.80 4.24 7.44
C8 DO3 H . 17.11 3.20 6.38
C9 DO3 H . 13.68 2.21 6.88
C10 DO3 H . 15.16 1.84 6.90
C11 DO3 H . 13.53 4.08 1.95
C12 DO3 H . 14.42 2.99 2.56
C13 DO3 H . 13.47 7.57 3.71
C14 DO3 H . 14.79 7.26 3.00
C15 DO3 H . 14.41 5.81 8.63
C16 DO3 H . 15.64 6.35 7.94
C17 DO3 H . 13.59 6.90 9.33
O2 DO3 H . 13.14 2.46 7.98
O4 DO3 H . 13.35 4.04 0.72
O6 DO3 H . 12.60 8.15 3.05
N1 DO3 I . 8.17 2.33 1.84
N2 DO3 I . 6.84 4.58 4.07
N3 DO3 I . 5.70 6.45 2.16
N4 DO3 I . 6.96 4.33 0.09
O1 DO3 I . 10.11 3.09 3.47
O3 DO3 I . 9.02 6.04 4.70
O5 DO3 I . 7.52 8.78 0.85
O7 DO3 I . 9.57 4.48 -0.27
C1 DO3 I . 7.51 2.37 3.14
C2 DO3 I . 6.44 3.43 3.25
C3 DO3 I . 5.69 5.44 4.43
C4 DO3 I . 4.88 5.88 3.23
C5 DO3 I . 5.27 6.00 0.83
C6 DO3 I . 5.58 4.54 0.56
C7 DO3 I . 7.19 2.95 -0.37
C8 DO3 I . 7.24 1.94 0.75
C9 DO3 I . 10.42 2.06 2.84
C10 DO3 I . 9.39 1.54 1.84
C11 DO3 I . 8.68 5.25 5.60
C12 DO3 I . 7.63 4.19 5.24
C13 DO3 I . 7.24 8.39 2.00
C14 DO3 I . 5.81 7.91 2.25
C15 DO3 I . 8.90 5.60 -0.82
C16 DO3 I . 7.41 5.34 -0.88
C17 DO3 I . 9.25 6.86 -0.03
O2 DO3 I . 11.49 1.43 2.95
O4 DO3 I . 9.10 5.25 6.77
O6 DO3 I . 8.03 8.36 2.97
N1 DO3 J . -11.78 9.28 16.63
N2 DO3 J . -13.49 8.39 14.02
N3 DO3 J . -14.91 10.87 13.75
N4 DO3 J . -12.68 11.84 16.27
O1 DO3 J . -14.00 7.69 17.47
O3 DO3 J . -15.77 7.80 15.52
O5 DO3 J . -17.55 10.07 15.18
O7 DO3 J . -14.12 11.41 18.49
C1 DO3 J . -11.60 8.22 15.63
C2 DO3 J . -12.06 8.63 14.24
C3 DO3 J . -13.93 8.84 12.69
C4 DO3 J . -14.16 10.33 12.61
C5 DO3 J . -14.26 12.04 14.36
C6 DO3 J . -12.84 11.76 14.82
C7 DO3 J . -11.27 11.72 16.69
C8 DO3 J . -10.74 10.30 16.55
C9 DO3 J . -13.40 8.41 18.30
C10 DO3 J . -11.94 8.75 17.99
C11 DO3 J . -15.34 6.91 14.76
C12 DO3 J . -13.89 7.01 14.30
C13 DO3 J . -17.18 11.16 14.69
C14 DO3 J . -16.32 11.10 13.44
C15 DO3 J . -13.75 12.77 18.31
C16 DO3 J . -13.35 13.00 16.87
C17 DO3 J . -14.88 13.68 18.77
O2 DO3 J . -13.88 8.85 19.35
O4 DO3 J . -16.02 5.94 14.33
O6 DO3 J . -17.47 12.29 15.13
#